data_6T87
#
_entry.id   6T87
#
_cell.length_a   123.705
_cell.length_b   123.705
_cell.length_c   66.300
_cell.angle_alpha   90.000
_cell.angle_beta   90.000
_cell.angle_gamma   120.000
#
_symmetry.space_group_name_H-M   'P 31 2 1'
#
loop_
_entity.id
_entity.type
_entity.pdbx_description
1 polymer 'Urocanate reductase'
2 non-polymer 'FLAVIN-ADENINE DINUCLEOTIDE'
3 non-polymer '(2E)-3-(1H-IMIDAZOL-4-YL)ACRYLIC ACID'
4 non-polymer GLYCEROL
5 non-polymer 'SULFATE ION'
6 non-polymer 'CHLORIDE ION'
7 non-polymer 'SODIUM ION'
8 water water
#
_entity_poly.entity_id   1
_entity_poly.type   'polypeptide(L)'
_entity_poly.pdbx_seq_one_letter_code
;MEYTYDVVIIGSGGAGFSAGLEAIAAGRSAVIIEKMPIIGGNSLISGAEMNVAGSWVQKNMGITDSKELFISDTLKGGDF
KGDPEMVKTMVDNAVGAAEWLRDYVKVEFYPDQLFQFGGHSVKRALIPKGHTGAEVISKFSIKADEVGLPIHTNTKAEKL
IQDQTGRIVGVEAAHNGKTITYHAKRGVVIATGGFSSNMEMRKKYNPELDERYGSTGHAGGTGDGIVMAEKIHAAAKNMG
YIQSYPICSPTSGAIALIADSRFFGAVLINQKGERFVEELERRDVISHAILAQPGRYTYVLWNQDIENVAHTVEMHQGEL
KEFTKDGLMYKVDTLEEAAKVFNIPEDKLLSTIKDVNHYAATGKDEAFNHRSGLVDLSKGPYWILKATPSVHHTMGGLVV
DTRTRVLDEQGKVIPGLFAAGEVTGLTHGTNRLGGNAYTDIIVYGRIAGQEAAKHHHHHH
;
_entity_poly.pdbx_strand_id   A
#
# COMPACT_ATOMS: atom_id res chain seq x y z
N MET A 1 10.60 -11.53 32.26
CA MET A 1 10.93 -12.45 31.14
C MET A 1 11.92 -11.80 30.18
N GLU A 2 12.84 -12.61 29.67
CA GLU A 2 13.78 -12.20 28.66
C GLU A 2 13.84 -13.29 27.60
N TYR A 3 14.12 -12.86 26.37
CA TYR A 3 14.37 -13.78 25.27
C TYR A 3 15.71 -13.41 24.62
N THR A 4 16.34 -14.41 24.00
CA THR A 4 17.53 -14.18 23.20
C THR A 4 17.37 -14.85 21.85
N TYR A 5 17.57 -14.07 20.79
CA TYR A 5 17.61 -14.56 19.43
C TYR A 5 18.77 -13.90 18.72
N ASP A 6 19.22 -14.50 17.61
CA ASP A 6 20.23 -13.84 16.80
C ASP A 6 19.67 -12.56 16.18
N VAL A 7 18.45 -12.63 15.65
CA VAL A 7 17.85 -11.54 14.90
C VAL A 7 16.46 -11.27 15.48
N VAL A 8 16.24 -10.03 15.90
CA VAL A 8 14.96 -9.58 16.43
C VAL A 8 14.36 -8.62 15.42
N ILE A 9 13.20 -8.99 14.87
CA ILE A 9 12.53 -8.21 13.84
C ILE A 9 11.30 -7.56 14.46
N ILE A 10 11.14 -6.25 14.25
CA ILE A 10 10.00 -5.52 14.77
C ILE A 10 9.02 -5.27 13.63
N GLY A 11 7.90 -5.97 13.64
CA GLY A 11 6.83 -5.83 12.68
C GLY A 11 6.61 -7.06 11.81
N SER A 12 5.34 -7.43 11.62
CA SER A 12 4.96 -8.61 10.87
C SER A 12 4.27 -8.29 9.55
N GLY A 13 4.66 -7.18 8.91
CA GLY A 13 4.28 -6.92 7.53
C GLY A 13 5.19 -7.66 6.57
N GLY A 14 5.12 -7.28 5.30
CA GLY A 14 5.92 -7.95 4.28
C GLY A 14 7.41 -7.79 4.51
N ALA A 15 7.84 -6.61 4.98
CA ALA A 15 9.27 -6.43 5.23
C ALA A 15 9.74 -7.33 6.37
N GLY A 16 9.00 -7.35 7.48
CA GLY A 16 9.41 -8.16 8.62
C GLY A 16 9.37 -9.65 8.34
N PHE A 17 8.32 -10.12 7.67
CA PHE A 17 8.26 -11.54 7.31
C PHE A 17 9.40 -11.92 6.39
N SER A 18 9.72 -11.06 5.43
CA SER A 18 10.82 -11.35 4.51
C SER A 18 12.13 -11.44 5.28
N ALA A 19 12.37 -10.50 6.18
CA ALA A 19 13.59 -10.53 6.97
C ALA A 19 13.63 -11.80 7.84
N GLY A 20 12.51 -12.14 8.46
CA GLY A 20 12.50 -13.31 9.34
C GLY A 20 12.77 -14.61 8.62
N LEU A 21 12.16 -14.79 7.45
CA LEU A 21 12.36 -16.03 6.72
C LEU A 21 13.80 -16.12 6.24
N GLU A 22 14.42 -15.00 5.87
CA GLU A 22 15.81 -15.04 5.44
C GLU A 22 16.73 -15.34 6.61
N ALA A 23 16.45 -14.77 7.78
CA ALA A 23 17.30 -15.02 8.93
C ALA A 23 17.26 -16.49 9.31
N ILE A 24 16.07 -17.09 9.34
CA ILE A 24 15.94 -18.49 9.70
C ILE A 24 16.63 -19.35 8.66
N ALA A 25 16.46 -19.01 7.38
CA ALA A 25 17.05 -19.78 6.31
C ALA A 25 18.57 -19.75 6.35
N ALA A 26 19.14 -18.66 6.88
CA ALA A 26 20.58 -18.53 7.07
C ALA A 26 21.09 -19.37 8.23
N GLY A 27 20.21 -20.05 8.95
CA GLY A 27 20.62 -20.88 10.07
C GLY A 27 20.66 -20.18 11.40
N ARG A 28 20.10 -18.97 11.49
CA ARG A 28 20.08 -18.18 12.71
C ARG A 28 18.74 -18.33 13.40
N SER A 29 18.73 -18.03 14.70
CA SER A 29 17.47 -17.88 15.39
C SER A 29 16.92 -16.48 15.15
N ALA A 30 15.60 -16.39 15.13
CA ALA A 30 14.96 -15.12 14.86
C ALA A 30 13.57 -15.13 15.46
N VAL A 31 13.07 -13.92 15.71
CA VAL A 31 11.70 -13.72 16.16
C VAL A 31 11.16 -12.47 15.47
N ILE A 32 9.85 -12.43 15.27
CA ILE A 32 9.15 -11.21 14.92
C ILE A 32 8.32 -10.79 16.13
N ILE A 33 8.43 -9.54 16.54
CA ILE A 33 7.54 -8.99 17.56
C ILE A 33 6.57 -8.04 16.86
N GLU A 34 5.30 -8.18 17.21
CA GLU A 34 4.21 -7.49 16.56
C GLU A 34 3.32 -6.91 17.66
N LYS A 35 3.09 -5.59 17.60
CA LYS A 35 2.34 -4.95 18.67
C LYS A 35 0.83 -5.19 18.60
N MET A 36 0.29 -5.47 17.40
CA MET A 36 -1.14 -5.70 17.27
C MET A 36 -1.49 -7.13 17.65
N PRO A 37 -2.78 -7.40 17.86
CA PRO A 37 -3.21 -8.78 18.12
C PRO A 37 -3.25 -9.64 16.88
N ILE A 38 -3.10 -9.04 15.71
CA ILE A 38 -3.11 -9.77 14.44
C ILE A 38 -1.82 -9.45 13.70
N ILE A 39 -1.44 -10.34 12.80
CA ILE A 39 -0.24 -10.14 12.00
C ILE A 39 -0.59 -9.49 10.68
N GLY A 40 0.39 -8.80 10.11
CA GLY A 40 0.34 -8.40 8.71
C GLY A 40 0.34 -6.90 8.46
N GLY A 41 -0.09 -6.09 9.41
CA GLY A 41 0.00 -4.63 9.25
C GLY A 41 -0.72 -4.12 8.01
N ASN A 42 -0.15 -3.07 7.41
CA ASN A 42 -0.75 -2.57 6.17
C ASN A 42 -0.50 -3.51 5.01
N SER A 43 0.51 -4.37 5.10
CA SER A 43 0.75 -5.34 4.04
C SER A 43 -0.43 -6.29 3.88
N LEU A 44 -1.15 -6.54 4.98
CA LEU A 44 -2.30 -7.44 4.98
C LEU A 44 -3.47 -6.85 4.22
N ILE A 45 -3.76 -5.57 4.47
CA ILE A 45 -4.94 -4.91 3.88
C ILE A 45 -4.60 -4.22 2.58
N SER A 46 -3.35 -4.28 2.17
CA SER A 46 -2.87 -3.81 0.88
C SER A 46 -3.62 -4.49 -0.26
N GLY A 47 -3.65 -3.81 -1.41
CA GLY A 47 -3.95 -4.54 -2.62
C GLY A 47 -2.87 -5.55 -2.95
N ALA A 48 -1.66 -5.32 -2.45
CA ALA A 48 -0.49 -6.19 -2.59
C ALA A 48 -0.09 -6.40 -4.06
N GLU A 49 -0.44 -5.46 -4.92
CA GLU A 49 0.08 -5.49 -6.28
C GLU A 49 1.54 -5.05 -6.27
N MET A 50 2.38 -5.75 -7.03
CA MET A 50 3.83 -5.66 -6.84
C MET A 50 4.51 -5.52 -8.19
N ASN A 51 5.21 -4.40 -8.39
CA ASN A 51 5.84 -4.15 -9.68
C ASN A 51 7.13 -4.94 -9.85
N VAL A 52 7.27 -5.55 -11.03
CA VAL A 52 8.43 -6.34 -11.42
C VAL A 52 8.66 -6.14 -12.91
N ALA A 53 9.88 -5.75 -13.28
CA ALA A 53 10.24 -5.70 -14.69
C ALA A 53 10.95 -7.00 -15.05
N GLY A 54 10.30 -7.78 -15.92
CA GLY A 54 10.83 -9.05 -16.38
C GLY A 54 10.25 -10.25 -15.68
N SER A 55 8.95 -10.19 -15.35
CA SER A 55 8.30 -11.27 -14.63
C SER A 55 7.82 -12.36 -15.56
N TRP A 56 7.58 -13.54 -14.97
CA TRP A 56 7.01 -14.65 -15.73
C TRP A 56 5.64 -14.30 -16.29
N VAL A 57 4.89 -13.45 -15.60
CA VAL A 57 3.57 -13.07 -16.06
C VAL A 57 3.67 -12.16 -17.27
N GLN A 58 4.60 -11.20 -17.25
CA GLN A 58 4.85 -10.41 -18.45
C GLN A 58 5.17 -11.31 -19.64
N LYS A 59 5.98 -12.35 -19.42
CA LYS A 59 6.30 -13.25 -20.52
C LYS A 59 5.05 -13.96 -21.03
N ASN A 60 4.19 -14.42 -20.11
CA ASN A 60 2.95 -15.07 -20.50
C ASN A 60 2.08 -14.16 -21.35
N MET A 61 2.10 -12.87 -21.04
CA MET A 61 1.20 -11.91 -21.66
C MET A 61 1.82 -11.21 -22.85
N GLY A 62 3.05 -11.54 -23.21
CA GLY A 62 3.69 -10.92 -24.35
C GLY A 62 4.12 -9.50 -24.13
N ILE A 63 4.38 -9.11 -22.88
CA ILE A 63 4.71 -7.74 -22.50
C ILE A 63 6.22 -7.67 -22.28
N THR A 64 6.87 -6.75 -22.99
CA THR A 64 8.29 -6.51 -22.81
C THR A 64 8.52 -5.35 -21.83
N ASP A 65 9.55 -5.49 -21.00
CA ASP A 65 9.85 -4.52 -19.98
C ASP A 65 11.36 -4.51 -19.83
N SER A 66 11.87 -3.57 -19.06
CA SER A 66 13.29 -3.54 -18.79
C SER A 66 13.52 -2.90 -17.43
N LYS A 67 14.61 -3.31 -16.79
CA LYS A 67 15.00 -2.70 -15.53
C LYS A 67 15.27 -1.21 -15.71
N GLU A 68 15.90 -0.83 -16.82
CA GLU A 68 16.18 0.59 -17.08
C GLU A 68 14.90 1.42 -17.05
N LEU A 69 13.83 0.91 -17.65
CA LEU A 69 12.59 1.66 -17.72
C LEU A 69 11.90 1.70 -16.36
N PHE A 70 11.94 0.59 -15.63
CA PHE A 70 11.36 0.56 -14.28
C PHE A 70 12.08 1.55 -13.38
N ILE A 71 13.40 1.64 -13.49
CA ILE A 71 14.17 2.60 -12.70
C ILE A 71 13.80 4.02 -13.08
N SER A 72 13.77 4.30 -14.40
CA SER A 72 13.49 5.67 -14.82
C SER A 72 12.06 6.08 -14.48
N ASP A 73 11.11 5.16 -14.67
CA ASP A 73 9.74 5.42 -14.23
C ASP A 73 9.72 5.77 -12.75
N THR A 74 10.39 4.97 -11.93
CA THR A 74 10.32 5.16 -10.48
C THR A 74 10.95 6.48 -10.08
N LEU A 75 12.14 6.77 -10.59
CA LEU A 75 12.81 8.01 -10.20
C LEU A 75 11.99 9.23 -10.60
N LYS A 76 11.44 9.21 -11.81
CA LYS A 76 10.57 10.30 -12.25
C LYS A 76 9.33 10.44 -11.36
N GLY A 77 8.78 9.32 -10.92
CA GLY A 77 7.58 9.37 -10.13
C GLY A 77 7.75 10.13 -8.84
N GLY A 78 8.96 10.07 -8.25
CA GLY A 78 9.27 10.77 -7.03
C GLY A 78 9.99 12.08 -7.28
N ASP A 79 9.76 12.69 -8.45
CA ASP A 79 10.31 14.00 -8.79
C ASP A 79 11.84 13.99 -8.74
N PHE A 80 12.43 12.86 -9.10
CA PHE A 80 13.87 12.69 -9.21
C PHE A 80 14.59 12.90 -7.88
N LYS A 81 13.89 12.73 -6.76
CA LYS A 81 14.50 12.91 -5.44
C LYS A 81 14.86 11.59 -4.77
N GLY A 82 14.41 10.46 -5.29
CA GLY A 82 14.78 9.19 -4.70
C GLY A 82 16.26 8.90 -4.86
N ASP A 83 16.77 8.08 -3.97
CA ASP A 83 18.18 7.68 -4.02
C ASP A 83 18.39 6.74 -5.20
N PRO A 84 19.20 7.10 -6.20
CA PRO A 84 19.29 6.22 -7.39
C PRO A 84 19.76 4.81 -7.07
N GLU A 85 20.66 4.63 -6.12
CA GLU A 85 21.11 3.27 -5.82
C GLU A 85 20.04 2.46 -5.10
N MET A 86 19.21 3.12 -4.28
CA MET A 86 18.12 2.42 -3.62
C MET A 86 17.10 1.95 -4.64
N VAL A 87 16.82 2.78 -5.63
CA VAL A 87 15.88 2.39 -6.67
C VAL A 87 16.47 1.28 -7.53
N LYS A 88 17.74 1.42 -7.90
CA LYS A 88 18.39 0.39 -8.71
C LYS A 88 18.40 -0.95 -8.00
N THR A 89 18.75 -0.97 -6.71
CA THR A 89 18.79 -2.25 -6.00
C THR A 89 17.38 -2.84 -5.87
N MET A 90 16.37 -2.00 -5.69
CA MET A 90 15.00 -2.49 -5.68
C MET A 90 14.64 -3.16 -7.00
N VAL A 91 14.91 -2.47 -8.11
CA VAL A 91 14.53 -2.99 -9.41
C VAL A 91 15.36 -4.22 -9.77
N ASP A 92 16.66 -4.19 -9.45
CA ASP A 92 17.55 -5.31 -9.76
C ASP A 92 17.14 -6.59 -9.03
N ASN A 93 16.47 -6.48 -7.88
CA ASN A 93 16.13 -7.65 -7.10
C ASN A 93 14.65 -7.99 -7.16
N ALA A 94 13.87 -7.24 -7.94
CA ALA A 94 12.42 -7.43 -7.96
C ALA A 94 12.02 -8.79 -8.53
N VAL A 95 12.65 -9.24 -9.61
CA VAL A 95 12.31 -10.55 -10.16
C VAL A 95 12.59 -11.63 -9.13
N GLY A 96 13.76 -11.59 -8.52
CA GLY A 96 14.09 -12.59 -7.51
C GLY A 96 13.13 -12.56 -6.34
N ALA A 97 12.73 -11.36 -5.93
CA ALA A 97 11.80 -11.24 -4.81
C ALA A 97 10.47 -11.88 -5.16
N ALA A 98 9.94 -11.61 -6.36
CA ALA A 98 8.64 -12.15 -6.70
C ALA A 98 8.70 -13.65 -6.95
N GLU A 99 9.79 -14.14 -7.57
CA GLU A 99 9.95 -15.58 -7.73
C GLU A 99 10.10 -16.27 -6.38
N TRP A 100 10.72 -15.59 -5.42
CA TRP A 100 10.83 -16.13 -4.07
C TRP A 100 9.47 -16.19 -3.39
N LEU A 101 8.65 -15.15 -3.55
CA LEU A 101 7.29 -15.24 -3.03
C LEU A 101 6.55 -16.42 -3.65
N ARG A 102 6.72 -16.60 -4.96
CA ARG A 102 6.03 -17.69 -5.65
C ARG A 102 6.54 -19.06 -5.22
N ASP A 103 7.85 -19.24 -5.20
CA ASP A 103 8.41 -20.58 -5.07
C ASP A 103 8.71 -20.97 -3.63
N TYR A 104 9.07 -20.02 -2.79
CA TYR A 104 9.43 -20.31 -1.41
C TYR A 104 8.26 -20.06 -0.47
N VAL A 105 7.61 -18.90 -0.59
CA VAL A 105 6.48 -18.60 0.28
C VAL A 105 5.19 -19.22 -0.23
N LYS A 106 5.14 -19.57 -1.51
CA LYS A 106 3.98 -20.18 -2.16
C LYS A 106 2.81 -19.20 -2.32
N VAL A 107 3.12 -17.91 -2.44
CA VAL A 107 2.12 -16.94 -2.86
C VAL A 107 1.67 -17.25 -4.28
N GLU A 108 0.35 -17.23 -4.48
CA GLU A 108 -0.23 -17.44 -5.79
CA GLU A 108 -0.23 -17.44 -5.80
C GLU A 108 -0.56 -16.09 -6.41
N PHE A 109 0.00 -15.85 -7.58
CA PHE A 109 -0.28 -14.68 -8.40
C PHE A 109 -1.07 -15.12 -9.61
N TYR A 110 -1.95 -14.25 -10.10
CA TYR A 110 -2.61 -14.54 -11.37
C TYR A 110 -1.56 -14.68 -12.47
N PRO A 111 -1.66 -15.71 -13.32
CA PRO A 111 -0.62 -15.91 -14.33
C PRO A 111 -0.78 -15.03 -15.55
N ASP A 112 -1.89 -14.32 -15.66
CA ASP A 112 -2.27 -13.65 -16.90
C ASP A 112 -2.95 -12.32 -16.65
N GLN A 113 -2.71 -11.71 -15.49
CA GLN A 113 -3.19 -10.38 -15.17
C GLN A 113 -2.03 -9.56 -14.66
N LEU A 114 -1.99 -8.31 -15.06
CA LEU A 114 -1.04 -7.32 -14.56
C LEU A 114 -1.77 -6.00 -14.48
N PHE A 115 -1.36 -5.16 -13.55
CA PHE A 115 -1.85 -3.80 -13.48
C PHE A 115 -0.75 -2.81 -13.86
N GLN A 116 -1.17 -1.74 -14.53
CA GLN A 116 -0.29 -0.64 -14.90
C GLN A 116 -0.67 0.54 -14.03
N PHE A 117 0.05 0.72 -12.92
CA PHE A 117 -0.18 1.89 -12.09
C PHE A 117 0.30 3.14 -12.82
N GLY A 118 -0.31 4.27 -12.47
CA GLY A 118 0.13 5.56 -12.96
C GLY A 118 1.61 5.77 -12.76
N GLY A 119 2.26 6.28 -13.79
CA GLY A 119 3.68 6.51 -13.77
C GLY A 119 4.51 5.37 -14.30
N HIS A 120 3.92 4.19 -14.47
CA HIS A 120 4.62 3.05 -15.05
C HIS A 120 4.36 3.00 -16.54
N SER A 121 5.43 2.79 -17.31
CA SER A 121 5.37 2.85 -18.75
C SER A 121 4.78 1.60 -19.37
N VAL A 122 4.77 0.49 -18.64
CA VAL A 122 4.16 -0.75 -19.11
C VAL A 122 3.46 -1.42 -17.93
N LYS A 123 2.53 -2.32 -18.26
CA LYS A 123 1.91 -3.13 -17.23
C LYS A 123 2.97 -3.98 -16.55
N ARG A 124 3.16 -3.79 -15.23
CA ARG A 124 4.18 -4.59 -14.56
C ARG A 124 3.84 -4.98 -13.13
N ALA A 125 2.62 -4.74 -12.65
CA ALA A 125 2.27 -5.09 -11.28
C ALA A 125 1.64 -6.48 -11.25
N LEU A 126 2.34 -7.41 -10.63
CA LEU A 126 1.80 -8.72 -10.31
C LEU A 126 0.64 -8.56 -9.34
N ILE A 127 -0.33 -9.47 -9.48
CA ILE A 127 -1.57 -9.39 -8.70
C ILE A 127 -1.73 -10.68 -7.91
N PRO A 128 -1.67 -10.65 -6.58
CA PRO A 128 -1.93 -11.86 -5.81
CA PRO A 128 -1.94 -11.85 -5.81
C PRO A 128 -3.38 -12.30 -5.95
N LYS A 129 -3.57 -13.61 -5.88
CA LYS A 129 -4.92 -14.15 -5.84
C LYS A 129 -5.76 -13.41 -4.81
N GLY A 130 -6.98 -13.01 -5.22
CA GLY A 130 -7.88 -12.28 -4.36
C GLY A 130 -7.71 -10.78 -4.36
N HIS A 131 -6.65 -10.28 -5.00
CA HIS A 131 -6.45 -8.84 -5.18
C HIS A 131 -6.29 -8.11 -3.85
N THR A 132 -5.73 -8.79 -2.85
CA THR A 132 -5.36 -8.17 -1.59
C THR A 132 -4.13 -8.86 -1.02
N GLY A 133 -3.60 -8.27 0.04
CA GLY A 133 -2.53 -8.90 0.80
C GLY A 133 -2.93 -10.08 1.63
N ALA A 134 -4.21 -10.45 1.69
CA ALA A 134 -4.61 -11.61 2.49
C ALA A 134 -3.85 -12.84 2.06
N GLU A 135 -3.77 -13.08 0.75
CA GLU A 135 -3.01 -14.20 0.21
C GLU A 135 -1.55 -14.15 0.66
N VAL A 136 -0.96 -12.96 0.62
CA VAL A 136 0.46 -12.85 0.91
C VAL A 136 0.73 -13.14 2.37
N ILE A 137 -0.02 -12.49 3.26
CA ILE A 137 0.25 -12.65 4.68
C ILE A 137 -0.14 -14.05 5.14
N SER A 138 -1.21 -14.63 4.61
CA SER A 138 -1.57 -15.98 5.04
CA SER A 138 -1.57 -15.98 5.02
C SER A 138 -0.49 -16.98 4.65
N LYS A 139 0.05 -16.86 3.44
CA LYS A 139 1.12 -17.76 3.02
C LYS A 139 2.41 -17.51 3.81
N PHE A 140 2.75 -16.24 4.06
CA PHE A 140 3.90 -15.97 4.92
C PHE A 140 3.73 -16.63 6.29
N SER A 141 2.53 -16.54 6.85
CA SER A 141 2.32 -17.06 8.19
CA SER A 141 2.35 -17.06 8.20
C SER A 141 2.50 -18.57 8.23
N ILE A 142 2.01 -19.25 7.20
CA ILE A 142 2.16 -20.69 7.10
C ILE A 142 3.61 -21.06 6.94
N LYS A 143 4.34 -20.32 6.10
CA LYS A 143 5.74 -20.63 5.88
C LYS A 143 6.56 -20.37 7.14
N ALA A 144 6.27 -19.28 7.84
CA ALA A 144 6.96 -19.01 9.11
C ALA A 144 6.75 -20.13 10.10
N ASP A 145 5.52 -20.62 10.23
CA ASP A 145 5.28 -21.72 11.15
C ASP A 145 6.04 -22.97 10.72
N GLU A 146 6.11 -23.24 9.41
CA GLU A 146 6.80 -24.45 8.94
CA GLU A 146 6.81 -24.44 8.93
C GLU A 146 8.29 -24.38 9.24
N VAL A 147 8.91 -23.20 9.05
CA VAL A 147 10.36 -23.12 9.20
C VAL A 147 10.80 -22.85 10.63
N GLY A 148 9.86 -22.55 11.53
CA GLY A 148 10.20 -22.31 12.92
C GLY A 148 10.50 -20.87 13.26
N LEU A 149 9.82 -19.91 12.62
CA LEU A 149 9.96 -18.50 12.92
C LEU A 149 8.85 -18.09 13.88
N PRO A 150 9.13 -17.86 15.16
CA PRO A 150 8.07 -17.43 16.08
C PRO A 150 7.67 -15.99 15.84
N ILE A 151 6.38 -15.72 16.04
CA ILE A 151 5.83 -14.37 15.99
C ILE A 151 5.14 -14.11 17.33
N HIS A 152 5.56 -13.06 18.02
CA HIS A 152 5.00 -12.70 19.32
C HIS A 152 4.07 -11.50 19.10
N THR A 153 2.76 -11.76 19.08
CA THR A 153 1.78 -10.69 18.94
C THR A 153 1.54 -10.00 20.27
N ASN A 154 0.79 -8.91 20.23
CA ASN A 154 0.52 -8.08 21.41
C ASN A 154 1.79 -7.73 22.15
N THR A 155 2.86 -7.49 21.40
CA THR A 155 4.18 -7.22 21.94
C THR A 155 4.70 -5.96 21.26
N LYS A 156 4.77 -4.86 22.02
CA LYS A 156 5.09 -3.56 21.46
C LYS A 156 6.52 -3.15 21.78
N ALA A 157 7.36 -3.07 20.75
CA ALA A 157 8.69 -2.53 20.96
C ALA A 157 8.60 -1.08 21.43
N GLU A 158 9.36 -0.75 22.46
CA GLU A 158 9.38 0.61 22.99
C GLU A 158 10.75 1.27 22.99
N LYS A 159 11.83 0.50 23.07
CA LYS A 159 13.17 1.05 23.20
C LYS A 159 14.18 0.12 22.56
N LEU A 160 15.10 0.68 21.79
CA LEU A 160 16.26 -0.06 21.35
C LEU A 160 17.31 -0.05 22.46
N ILE A 161 18.00 -1.17 22.61
CA ILE A 161 19.03 -1.31 23.64
C ILE A 161 20.37 -1.13 22.95
N GLN A 162 21.15 -0.17 23.42
CA GLN A 162 22.42 0.19 22.80
C GLN A 162 23.52 0.01 23.83
N ASP A 163 24.57 -0.73 23.46
CA ASP A 163 25.67 -0.98 24.38
C ASP A 163 26.67 0.17 24.30
N GLN A 164 27.69 0.14 25.15
CA GLN A 164 28.55 1.30 25.25
C GLN A 164 29.38 1.54 23.99
N THR A 165 29.49 0.56 23.10
CA THR A 165 30.17 0.78 21.83
C THR A 165 29.29 1.46 20.80
N GLY A 166 28.00 1.61 21.07
CA GLY A 166 27.07 2.15 20.09
C GLY A 166 26.31 1.09 19.33
N ARG A 167 26.57 -0.19 19.59
CA ARG A 167 25.89 -1.26 18.88
C ARG A 167 24.49 -1.49 19.46
N ILE A 168 23.53 -1.73 18.58
CA ILE A 168 22.18 -2.11 19.01
C ILE A 168 22.18 -3.61 19.29
N VAL A 169 21.80 -3.98 20.51
CA VAL A 169 21.95 -5.35 20.99
C VAL A 169 20.63 -5.91 21.51
N GLY A 170 19.53 -5.21 21.29
CA GLY A 170 18.26 -5.77 21.68
C GLY A 170 17.16 -4.73 21.66
N VAL A 171 16.00 -5.15 22.16
CA VAL A 171 14.76 -4.38 22.14
C VAL A 171 14.06 -4.60 23.46
N GLU A 172 13.61 -3.52 24.08
CA GLU A 172 12.67 -3.63 25.20
C GLU A 172 11.26 -3.49 24.65
N ALA A 173 10.37 -4.40 25.04
CA ALA A 173 9.02 -4.43 24.52
C ALA A 173 8.04 -4.60 25.67
N ALA A 174 6.81 -4.16 25.43
CA ALA A 174 5.74 -4.31 26.40
C ALA A 174 4.80 -5.43 25.99
N HIS A 175 4.46 -6.30 26.93
CA HIS A 175 3.50 -7.38 26.69
C HIS A 175 2.74 -7.63 27.97
N ASN A 176 1.41 -7.56 27.90
CA ASN A 176 0.56 -7.82 29.07
C ASN A 176 0.99 -6.98 30.26
N GLY A 177 1.30 -5.72 30.00
CA GLY A 177 1.63 -4.80 31.07
C GLY A 177 2.98 -4.98 31.71
N LYS A 178 3.86 -5.78 31.11
CA LYS A 178 5.21 -5.98 31.62
C LYS A 178 6.21 -5.69 30.53
N THR A 179 7.41 -5.34 30.94
CA THR A 179 8.49 -5.13 29.99
C THR A 179 9.25 -6.44 29.78
N ILE A 180 9.42 -6.80 28.52
CA ILE A 180 10.15 -7.99 28.12
C ILE A 180 11.37 -7.53 27.35
N THR A 181 12.53 -8.08 27.70
CA THR A 181 13.78 -7.73 27.04
C THR A 181 14.09 -8.79 26.00
N TYR A 182 14.25 -8.35 24.76
CA TYR A 182 14.66 -9.20 23.65
C TYR A 182 16.13 -8.91 23.34
N HIS A 183 17.00 -9.84 23.69
CA HIS A 183 18.41 -9.73 23.33
C HIS A 183 18.59 -10.18 21.89
N ALA A 184 19.32 -9.38 21.12
CA ALA A 184 19.59 -9.65 19.71
C ALA A 184 21.09 -9.80 19.53
N LYS A 185 21.54 -11.02 19.30
CA LYS A 185 22.98 -11.29 19.26
C LYS A 185 23.62 -10.77 17.99
N ARG A 186 22.87 -10.73 16.90
CA ARG A 186 23.43 -10.33 15.61
C ARG A 186 22.78 -9.09 15.02
N GLY A 187 21.48 -8.88 15.21
CA GLY A 187 20.89 -7.70 14.65
C GLY A 187 19.44 -7.50 15.02
N VAL A 188 19.03 -6.24 14.99
CA VAL A 188 17.65 -5.83 15.13
C VAL A 188 17.22 -5.24 13.79
N VAL A 189 16.09 -5.71 13.29
CA VAL A 189 15.50 -5.21 12.05
C VAL A 189 14.25 -4.42 12.40
N ILE A 190 14.26 -3.13 12.06
CA ILE A 190 13.06 -2.29 12.19
C ILE A 190 12.26 -2.44 10.91
N ALA A 191 11.05 -3.00 11.04
CA ALA A 191 10.17 -3.23 9.90
C ALA A 191 8.75 -2.84 10.27
N THR A 192 8.60 -1.64 10.84
CA THR A 192 7.39 -1.21 11.53
C THR A 192 6.38 -0.47 10.65
N GLY A 193 6.69 -0.26 9.38
CA GLY A 193 5.76 0.41 8.49
C GLY A 193 5.85 1.92 8.61
N GLY A 194 4.77 2.58 8.15
CA GLY A 194 4.72 4.03 8.07
C GLY A 194 3.97 4.68 9.22
N PHE A 195 3.66 5.97 9.03
CA PHE A 195 2.98 6.72 10.08
C PHE A 195 1.71 7.40 9.57
N SER A 196 1.05 6.80 8.57
CA SER A 196 -0.19 7.37 8.07
C SER A 196 -1.28 7.49 9.14
N SER A 197 -1.21 6.71 10.21
CA SER A 197 -2.24 6.77 11.24
C SER A 197 -1.77 7.47 12.51
N ASN A 198 -0.68 8.22 12.44
CA ASN A 198 -0.23 9.05 13.55
C ASN A 198 -0.53 10.51 13.20
N MET A 199 -1.61 11.04 13.78
CA MET A 199 -2.05 12.37 13.44
C MET A 199 -1.02 13.42 13.84
N GLU A 200 -0.41 13.27 15.00
CA GLU A 200 0.52 14.30 15.45
C GLU A 200 1.78 14.32 14.59
N MET A 201 2.27 13.16 14.19
CA MET A 201 3.44 13.11 13.31
CA MET A 201 3.44 13.11 13.32
C MET A 201 3.11 13.66 11.93
N ARG A 202 1.94 13.31 11.39
CA ARG A 202 1.51 13.89 10.12
C ARG A 202 1.54 15.41 10.19
N LYS A 203 0.89 15.97 11.21
CA LYS A 203 0.77 17.42 11.30
C LYS A 203 2.12 18.07 11.50
N LYS A 204 3.02 17.40 12.21
CA LYS A 204 4.37 17.94 12.41
CA LYS A 204 4.36 17.94 12.41
C LYS A 204 5.09 18.12 11.08
N TYR A 205 5.01 17.12 10.21
CA TYR A 205 5.82 17.12 8.99
C TYR A 205 5.07 17.61 7.76
N ASN A 206 3.73 17.59 7.79
CA ASN A 206 2.92 18.04 6.66
C ASN A 206 1.63 18.59 7.24
N PRO A 207 1.62 19.86 7.64
N PRO A 207 1.63 19.85 7.68
CA PRO A 207 0.48 20.39 8.43
CA PRO A 207 0.48 20.39 8.43
C PRO A 207 -0.84 20.38 7.69
C PRO A 207 -0.85 20.29 7.69
N GLU A 208 -0.85 20.22 6.37
CA GLU A 208 -2.12 20.11 5.65
C GLU A 208 -2.84 18.80 5.99
N LEU A 209 -2.09 17.75 6.30
CA LEU A 209 -2.70 16.42 6.45
C LEU A 209 -3.15 16.20 7.89
N ASP A 210 -4.06 17.08 8.32
CA ASP A 210 -4.56 17.09 9.68
C ASP A 210 -5.85 16.29 9.80
N GLU A 211 -6.67 16.65 10.78
CA GLU A 211 -7.84 15.87 11.13
C GLU A 211 -8.91 15.89 10.05
N ARG A 212 -8.75 16.74 9.03
CA ARG A 212 -9.65 16.75 7.88
C ARG A 212 -9.55 15.47 7.09
N TYR A 213 -8.44 14.73 7.23
CA TYR A 213 -8.19 13.53 6.46
C TYR A 213 -8.11 12.30 7.36
N GLY A 214 -8.69 11.21 6.88
CA GLY A 214 -8.50 9.92 7.50
C GLY A 214 -7.19 9.29 7.05
N SER A 215 -7.06 8.00 7.41
CA SER A 215 -5.94 7.17 7.02
CA SER A 215 -5.94 7.17 7.02
C SER A 215 -6.46 5.88 6.43
N THR A 216 -5.82 5.41 5.36
CA THR A 216 -6.17 4.13 4.77
C THR A 216 -5.57 2.96 5.54
N GLY A 217 -4.70 3.25 6.49
CA GLY A 217 -3.93 2.23 7.14
C GLY A 217 -4.52 1.74 8.44
N HIS A 218 -3.91 0.68 8.95
CA HIS A 218 -4.32 0.13 10.23
C HIS A 218 -3.87 1.05 11.36
N ALA A 219 -4.43 0.79 12.55
CA ALA A 219 -4.20 1.68 13.68
C ALA A 219 -2.77 1.64 14.18
N GLY A 220 -2.02 0.59 13.87
CA GLY A 220 -0.65 0.45 14.29
C GLY A 220 0.39 1.19 13.48
N GLY A 221 -0.02 1.87 12.41
CA GLY A 221 0.92 2.58 11.56
C GLY A 221 1.25 3.94 12.14
N THR A 222 2.07 3.97 13.20
CA THR A 222 2.20 5.19 13.99
C THR A 222 3.63 5.69 14.09
N GLY A 223 4.54 5.19 13.25
CA GLY A 223 5.88 5.74 13.18
C GLY A 223 6.81 5.34 14.31
N ASP A 224 6.45 4.30 15.07
CA ASP A 224 7.23 3.93 16.26
C ASP A 224 8.70 3.65 15.91
N GLY A 225 8.93 3.02 14.76
CA GLY A 225 10.28 2.63 14.40
C GLY A 225 11.17 3.81 14.14
N ILE A 226 10.59 4.90 13.60
CA ILE A 226 11.34 6.12 13.41
C ILE A 226 11.68 6.74 14.76
N VAL A 227 10.68 6.82 15.65
CA VAL A 227 10.89 7.43 16.96
C VAL A 227 11.95 6.68 17.75
N MET A 228 11.85 5.35 17.78
N MET A 228 11.88 5.33 17.75
CA MET A 228 12.83 4.57 18.55
CA MET A 228 12.80 4.54 18.54
C MET A 228 14.24 4.79 18.01
C MET A 228 14.23 4.64 18.01
N ALA A 229 14.39 4.75 16.70
CA ALA A 229 15.72 4.84 16.12
C ALA A 229 16.29 6.25 16.28
N GLU A 230 15.45 7.28 16.16
CA GLU A 230 15.96 8.64 16.33
C GLU A 230 16.48 8.83 17.76
N LYS A 231 15.90 8.12 18.73
CA LYS A 231 16.36 8.23 20.10
C LYS A 231 17.82 7.82 20.24
N ILE A 232 18.29 6.90 19.40
CA ILE A 232 19.69 6.50 19.38
C ILE A 232 20.42 7.14 18.19
N HIS A 233 19.90 8.24 17.66
CA HIS A 233 20.56 9.13 16.71
C HIS A 233 20.61 8.58 15.29
N ALA A 234 19.70 7.68 14.94
CA ALA A 234 19.46 7.39 13.53
C ALA A 234 18.97 8.64 12.80
N ALA A 235 19.40 8.78 11.57
CA ALA A 235 18.93 9.85 10.70
C ALA A 235 17.60 9.49 10.04
N ALA A 236 16.81 10.53 9.77
CA ALA A 236 15.59 10.41 8.99
C ALA A 236 15.63 11.46 7.88
N LYS A 237 14.84 11.21 6.84
CA LYS A 237 14.79 12.08 5.69
C LYS A 237 13.41 11.97 5.05
N ASN A 238 13.04 13.04 4.34
CA ASN A 238 11.85 13.07 3.48
C ASN A 238 10.55 12.89 4.25
N MET A 239 10.57 13.23 5.54
CA MET A 239 9.42 12.95 6.40
C MET A 239 8.17 13.72 5.97
N GLY A 240 8.35 14.88 5.32
CA GLY A 240 7.20 15.66 4.93
C GLY A 240 6.48 15.17 3.70
N TYR A 241 7.05 14.19 3.00
CA TYR A 241 6.43 13.70 1.77
C TYR A 241 5.49 12.57 2.14
N ILE A 242 4.19 12.86 2.07
CA ILE A 242 3.15 11.96 2.53
C ILE A 242 2.07 11.95 1.46
N GLN A 243 1.76 10.77 0.92
CA GLN A 243 0.83 10.68 -0.18
C GLN A 243 -0.53 10.19 0.32
N SER A 244 -1.56 10.58 -0.42
CA SER A 244 -2.94 10.18 -0.18
C SER A 244 -3.43 9.30 -1.31
N TYR A 245 -4.53 8.62 -1.06
CA TYR A 245 -5.18 7.81 -2.08
C TYR A 245 -6.54 8.44 -2.36
N PRO A 246 -6.96 8.55 -3.63
CA PRO A 246 -8.13 9.40 -3.91
C PRO A 246 -9.46 8.84 -3.48
N ILE A 247 -9.67 7.52 -3.47
CA ILE A 247 -11.01 6.95 -3.40
C ILE A 247 -11.07 6.10 -2.13
N CYS A 248 -11.51 6.74 -1.05
CA CYS A 248 -11.50 6.16 0.29
C CYS A 248 -12.78 6.51 1.01
N SER A 249 -13.03 5.79 2.10
CA SER A 249 -14.23 5.99 2.90
C SER A 249 -14.19 7.33 3.63
N PRO A 250 -15.20 8.19 3.46
CA PRO A 250 -15.25 9.43 4.24
C PRO A 250 -15.43 9.19 5.74
N THR A 251 -15.89 8.00 6.14
CA THR A 251 -16.17 7.70 7.55
C THR A 251 -14.97 7.09 8.24
N SER A 252 -14.37 6.06 7.63
CA SER A 252 -13.31 5.31 8.27
C SER A 252 -11.91 5.63 7.77
N GLY A 253 -11.80 6.29 6.60
CA GLY A 253 -10.54 6.50 5.94
C GLY A 253 -10.06 5.35 5.08
N ALA A 254 -10.71 4.19 5.19
CA ALA A 254 -10.25 3.00 4.49
C ALA A 254 -10.25 3.21 2.98
N ILE A 255 -9.29 2.58 2.32
CA ILE A 255 -9.29 2.57 0.87
C ILE A 255 -10.53 1.84 0.39
N ALA A 256 -11.01 2.20 -0.79
CA ALA A 256 -12.10 1.47 -1.41
C ALA A 256 -11.54 0.65 -2.58
N LEU A 257 -10.98 -0.53 -2.27
CA LEU A 257 -10.56 -1.44 -3.33
C LEU A 257 -11.73 -1.81 -4.23
N ILE A 258 -12.95 -1.80 -3.68
CA ILE A 258 -14.13 -2.11 -4.46
C ILE A 258 -14.28 -1.12 -5.60
N ALA A 259 -13.75 0.10 -5.45
CA ALA A 259 -13.83 1.12 -6.49
C ALA A 259 -12.72 1.02 -7.51
N ASP A 260 -11.91 -0.04 -7.47
CA ASP A 260 -11.05 -0.34 -8.60
C ASP A 260 -11.87 -0.65 -9.85
N SER A 261 -13.19 -0.77 -9.71
CA SER A 261 -14.08 -0.76 -10.87
C SER A 261 -13.84 0.42 -11.79
N ARG A 262 -13.25 1.52 -11.31
CA ARG A 262 -12.99 2.65 -12.20
CA ARG A 262 -13.01 2.63 -12.22
C ARG A 262 -11.97 2.29 -13.28
N PHE A 263 -11.21 1.21 -13.10
CA PHE A 263 -10.30 0.79 -14.14
C PHE A 263 -10.99 -0.08 -15.18
N PHE A 264 -12.29 -0.29 -15.03
CA PHE A 264 -13.07 -1.15 -15.90
C PHE A 264 -14.34 -0.46 -16.40
N GLY A 265 -14.47 0.84 -16.19
CA GLY A 265 -15.61 1.55 -16.71
C GLY A 265 -16.43 2.34 -15.72
N ALA A 266 -16.19 2.21 -14.42
CA ALA A 266 -16.98 3.02 -13.49
C ALA A 266 -16.68 4.49 -13.73
N VAL A 267 -17.66 5.33 -13.45
CA VAL A 267 -17.54 6.76 -13.66
C VAL A 267 -17.57 7.47 -12.31
N LEU A 268 -16.86 8.59 -12.28
CA LEU A 268 -16.85 9.47 -11.11
CA LEU A 268 -16.85 9.47 -11.11
C LEU A 268 -17.86 10.58 -11.33
N ILE A 269 -18.79 10.73 -10.37
CA ILE A 269 -19.91 11.66 -10.48
C ILE A 269 -19.89 12.55 -9.25
N ASN A 270 -20.00 13.87 -9.44
CA ASN A 270 -20.01 14.76 -8.28
C ASN A 270 -21.45 14.96 -7.81
N GLN A 271 -21.60 15.78 -6.76
CA GLN A 271 -22.91 15.98 -6.16
C GLN A 271 -23.88 16.65 -7.12
N LYS A 272 -23.35 17.33 -8.14
CA LYS A 272 -24.17 17.97 -9.16
C LYS A 272 -24.66 17.01 -10.23
N GLY A 273 -24.24 15.75 -10.20
CA GLY A 273 -24.63 14.79 -11.19
C GLY A 273 -23.76 14.77 -12.43
N GLU A 274 -22.57 15.33 -12.35
N GLU A 274 -22.57 15.35 -12.35
CA GLU A 274 -21.71 15.50 -13.52
CA GLU A 274 -21.69 15.54 -13.48
C GLU A 274 -20.38 14.80 -13.35
C GLU A 274 -20.43 14.69 -13.33
N ARG A 275 -19.84 14.31 -14.46
CA ARG A 275 -18.47 13.87 -14.47
C ARG A 275 -17.59 15.12 -14.39
N PHE A 276 -16.37 14.93 -13.87
CA PHE A 276 -15.50 16.09 -13.63
C PHE A 276 -14.03 15.78 -13.83
N VAL A 277 -13.66 14.52 -14.04
CA VAL A 277 -12.27 14.17 -14.31
C VAL A 277 -12.23 12.84 -15.05
N GLU A 278 -11.24 12.68 -15.92
CA GLU A 278 -11.01 11.37 -16.54
C GLU A 278 -10.76 10.35 -15.44
N GLU A 279 -11.52 9.26 -15.45
CA GLU A 279 -11.47 8.30 -14.35
C GLU A 279 -10.15 7.54 -14.29
N LEU A 280 -9.37 7.58 -15.36
CA LEU A 280 -8.07 6.92 -15.43
C LEU A 280 -6.90 7.89 -15.34
N GLU A 281 -7.14 9.13 -14.93
CA GLU A 281 -6.06 10.06 -14.66
C GLU A 281 -5.21 9.59 -13.48
N ARG A 282 -4.05 10.22 -13.33
CA ARG A 282 -3.14 9.93 -12.24
C ARG A 282 -3.82 10.15 -10.89
N ARG A 283 -3.44 9.34 -9.90
CA ARG A 283 -4.16 9.35 -8.63
C ARG A 283 -4.14 10.72 -7.96
N ASP A 284 -3.01 11.44 -8.04
CA ASP A 284 -2.96 12.75 -7.41
C ASP A 284 -3.83 13.77 -8.14
N VAL A 285 -3.97 13.62 -9.46
CA VAL A 285 -4.88 14.46 -10.23
C VAL A 285 -6.31 14.20 -9.80
N ILE A 286 -6.67 12.91 -9.68
CA ILE A 286 -8.00 12.54 -9.20
CA ILE A 286 -8.02 12.58 -9.22
C ILE A 286 -8.24 13.12 -7.81
N SER A 287 -7.27 12.98 -6.92
CA SER A 287 -7.45 13.49 -5.57
C SER A 287 -7.74 14.98 -5.60
N HIS A 288 -6.95 15.75 -6.33
CA HIS A 288 -7.20 17.18 -6.41
C HIS A 288 -8.52 17.49 -7.07
N ALA A 289 -8.90 16.73 -8.09
CA ALA A 289 -10.19 16.94 -8.72
C ALA A 289 -11.32 16.73 -7.72
N ILE A 290 -11.25 15.67 -6.93
CA ILE A 290 -12.30 15.41 -5.96
C ILE A 290 -12.39 16.54 -4.95
N LEU A 291 -11.24 16.98 -4.43
CA LEU A 291 -11.25 18.04 -3.43
C LEU A 291 -11.75 19.36 -3.99
N ALA A 292 -11.82 19.49 -5.31
CA ALA A 292 -12.39 20.67 -5.94
C ALA A 292 -13.89 20.56 -6.18
N GLN A 293 -14.48 19.42 -5.93
CA GLN A 293 -15.91 19.23 -6.11
C GLN A 293 -16.69 19.66 -4.88
N PRO A 294 -17.98 19.89 -5.03
CA PRO A 294 -18.83 20.26 -3.89
C PRO A 294 -18.75 19.22 -2.78
N GLY A 295 -18.41 19.67 -1.59
CA GLY A 295 -18.31 18.79 -0.46
C GLY A 295 -17.01 18.03 -0.36
N ARG A 296 -16.13 18.16 -1.36
CA ARG A 296 -14.82 17.51 -1.36
C ARG A 296 -14.93 15.99 -1.39
N TYR A 297 -15.98 15.49 -2.04
CA TYR A 297 -16.12 14.05 -2.24
C TYR A 297 -16.62 13.80 -3.65
N THR A 298 -16.57 12.54 -4.04
CA THR A 298 -17.14 12.08 -5.29
C THR A 298 -18.00 10.86 -5.05
N TYR A 299 -18.83 10.55 -6.04
CA TYR A 299 -19.44 9.24 -6.14
C TYR A 299 -18.73 8.44 -7.21
N VAL A 300 -18.78 7.12 -7.05
CA VAL A 300 -18.25 6.17 -8.02
C VAL A 300 -19.42 5.28 -8.39
N LEU A 301 -19.73 5.20 -9.68
CA LEU A 301 -20.94 4.57 -10.17
C LEU A 301 -20.62 3.53 -11.23
N TRP A 302 -21.17 2.31 -11.07
CA TRP A 302 -20.99 1.30 -12.09
C TRP A 302 -22.12 0.28 -12.02
N ASN A 303 -22.14 -0.63 -12.99
CA ASN A 303 -23.26 -1.56 -13.10
C ASN A 303 -22.76 -3.00 -13.12
N GLN A 304 -23.73 -3.90 -13.20
CA GLN A 304 -23.45 -5.33 -13.20
C GLN A 304 -22.56 -5.73 -14.37
N ASP A 305 -22.74 -5.12 -15.55
CA ASP A 305 -21.88 -5.47 -16.69
C ASP A 305 -20.41 -5.22 -16.36
N ILE A 306 -20.13 -4.12 -15.66
CA ILE A 306 -18.75 -3.87 -15.27
C ILE A 306 -18.29 -4.86 -14.22
N GLU A 307 -19.14 -5.16 -13.23
CA GLU A 307 -18.75 -6.13 -12.21
C GLU A 307 -18.45 -7.49 -12.82
N ASN A 308 -19.16 -7.89 -13.88
CA ASN A 308 -18.95 -9.21 -14.47
C ASN A 308 -17.59 -9.37 -15.12
N VAL A 309 -16.89 -8.27 -15.38
N VAL A 309 -16.91 -8.26 -15.41
CA VAL A 309 -15.53 -8.33 -15.92
CA VAL A 309 -15.54 -8.28 -15.90
C VAL A 309 -14.48 -7.75 -14.97
C VAL A 309 -14.55 -7.99 -14.77
N ALA A 310 -14.87 -7.01 -13.94
CA ALA A 310 -13.94 -6.45 -12.97
C ALA A 310 -13.83 -7.26 -11.69
N HIS A 311 -14.95 -7.79 -11.21
CA HIS A 311 -15.03 -8.61 -10.01
C HIS A 311 -14.70 -7.88 -8.73
N THR A 312 -14.68 -6.54 -8.71
CA THR A 312 -14.23 -5.87 -7.49
C THR A 312 -15.26 -5.93 -6.37
N VAL A 313 -16.55 -6.14 -6.69
CA VAL A 313 -17.53 -6.37 -5.63
C VAL A 313 -17.33 -7.77 -5.04
N GLU A 314 -17.22 -8.78 -5.91
CA GLU A 314 -16.98 -10.14 -5.45
C GLU A 314 -15.72 -10.26 -4.61
N MET A 315 -14.67 -9.52 -4.97
CA MET A 315 -13.38 -9.66 -4.29
C MET A 315 -13.33 -8.86 -3.00
N HIS A 316 -14.22 -7.90 -2.81
CA HIS A 316 -14.14 -7.00 -1.65
C HIS A 316 -15.49 -6.90 -0.96
N GLN A 317 -16.01 -8.06 -0.54
CA GLN A 317 -17.35 -8.10 0.03
C GLN A 317 -17.40 -7.47 1.42
N GLY A 318 -16.27 -7.48 2.13
CA GLY A 318 -16.24 -6.80 3.42
C GLY A 318 -16.40 -5.30 3.27
N GLU A 319 -15.77 -4.73 2.25
CA GLU A 319 -15.99 -3.32 1.94
C GLU A 319 -17.44 -3.06 1.57
N LEU A 320 -18.01 -3.91 0.72
CA LEU A 320 -19.41 -3.74 0.34
C LEU A 320 -20.28 -3.61 1.57
N LYS A 321 -20.13 -4.54 2.52
CA LYS A 321 -20.97 -4.54 3.70
C LYS A 321 -20.69 -3.34 4.59
N GLU A 322 -19.41 -3.00 4.78
CA GLU A 322 -19.05 -1.90 5.65
CA GLU A 322 -19.08 -1.91 5.67
C GLU A 322 -19.55 -0.58 5.09
N PHE A 323 -19.24 -0.32 3.83
CA PHE A 323 -19.63 0.94 3.21
C PHE A 323 -21.15 1.05 3.14
N THR A 324 -21.83 -0.07 2.87
CA THR A 324 -23.27 0.00 2.81
C THR A 324 -23.86 0.33 4.19
N LYS A 325 -23.36 -0.32 5.24
CA LYS A 325 -23.87 -0.05 6.58
C LYS A 325 -23.59 1.38 7.01
N ASP A 326 -22.49 1.96 6.52
CA ASP A 326 -22.14 3.33 6.86
C ASP A 326 -22.91 4.34 6.02
N GLY A 327 -23.80 3.90 5.13
CA GLY A 327 -24.52 4.86 4.32
C GLY A 327 -23.69 5.47 3.22
N LEU A 328 -22.57 4.85 2.89
CA LEU A 328 -21.66 5.33 1.88
C LEU A 328 -21.82 4.60 0.56
N MET A 329 -22.61 3.54 0.52
CA MET A 329 -22.72 2.73 -0.68
C MET A 329 -24.13 2.19 -0.75
N TYR A 330 -24.68 2.16 -1.97
CA TYR A 330 -26.00 1.60 -2.24
C TYR A 330 -25.93 0.74 -3.49
N LYS A 331 -26.69 -0.34 -3.47
CA LYS A 331 -26.97 -1.11 -4.66
C LYS A 331 -28.41 -0.81 -5.07
N VAL A 332 -28.60 -0.35 -6.30
CA VAL A 332 -29.87 0.15 -6.76
C VAL A 332 -30.18 -0.42 -8.14
N ASP A 333 -31.48 -0.42 -8.46
CA ASP A 333 -31.95 -0.98 -9.71
C ASP A 333 -31.80 -0.03 -10.89
N THR A 334 -31.90 1.28 -10.65
CA THR A 334 -32.00 2.27 -11.70
C THR A 334 -31.13 3.47 -11.37
N LEU A 335 -30.76 4.21 -12.42
CA LEU A 335 -30.02 5.45 -12.21
C LEU A 335 -30.85 6.45 -11.42
N GLU A 336 -32.17 6.43 -11.63
CA GLU A 336 -33.03 7.33 -10.87
C GLU A 336 -32.91 7.06 -9.38
N GLU A 337 -32.83 5.78 -9.00
CA GLU A 337 -32.65 5.42 -7.59
C GLU A 337 -31.25 5.79 -7.11
N ALA A 338 -30.24 5.65 -7.98
CA ALA A 338 -28.90 6.07 -7.61
C ALA A 338 -28.86 7.55 -7.28
N ALA A 339 -29.57 8.35 -8.07
CA ALA A 339 -29.62 9.78 -7.77
C ALA A 339 -30.35 10.03 -6.47
N LYS A 340 -31.48 9.35 -6.25
CA LYS A 340 -32.31 9.60 -5.08
C LYS A 340 -31.56 9.35 -3.78
N VAL A 341 -30.82 8.23 -3.71
CA VAL A 341 -30.24 7.83 -2.44
C VAL A 341 -29.19 8.82 -1.97
N PHE A 342 -28.57 9.57 -2.89
CA PHE A 342 -27.55 10.53 -2.53
C PHE A 342 -27.94 11.97 -2.88
N ASN A 343 -29.22 12.23 -3.16
CA ASN A 343 -29.70 13.59 -3.40
C ASN A 343 -28.99 14.26 -4.57
N ILE A 344 -28.66 13.45 -5.57
CA ILE A 344 -28.02 13.91 -6.79
C ILE A 344 -29.13 14.39 -7.73
N PRO A 345 -28.99 15.54 -8.39
CA PRO A 345 -30.01 15.94 -9.38
C PRO A 345 -30.23 14.88 -10.45
N GLU A 346 -31.48 14.41 -10.55
CA GLU A 346 -31.77 13.28 -11.41
C GLU A 346 -31.53 13.63 -12.87
N ASP A 347 -32.04 14.77 -13.33
CA ASP A 347 -31.93 15.11 -14.74
C ASP A 347 -30.47 15.20 -15.17
N LYS A 348 -29.62 15.77 -14.31
CA LYS A 348 -28.21 15.91 -14.66
C LYS A 348 -27.53 14.55 -14.71
N LEU A 349 -27.81 13.68 -13.74
CA LEU A 349 -27.21 12.35 -13.78
C LEU A 349 -27.63 11.61 -15.04
N LEU A 350 -28.93 11.62 -15.35
CA LEU A 350 -29.38 10.92 -16.54
C LEU A 350 -28.73 11.48 -17.79
N SER A 351 -28.60 12.81 -17.88
CA SER A 351 -27.95 13.39 -19.04
CA SER A 351 -27.96 13.41 -19.04
C SER A 351 -26.49 13.00 -19.13
N THR A 352 -25.80 12.98 -17.99
CA THR A 352 -24.41 12.56 -17.96
C THR A 352 -24.27 11.14 -18.47
N ILE A 353 -25.16 10.25 -18.05
CA ILE A 353 -25.02 8.85 -18.40
C ILE A 353 -25.43 8.64 -19.86
N LYS A 354 -26.41 9.40 -20.35
CA LYS A 354 -26.71 9.37 -21.78
C LYS A 354 -25.46 9.66 -22.60
N ASP A 355 -24.71 10.68 -22.19
CA ASP A 355 -23.46 10.99 -22.86
C ASP A 355 -22.48 9.83 -22.74
N VAL A 356 -22.28 9.31 -21.52
CA VAL A 356 -21.39 8.18 -21.32
C VAL A 356 -21.75 7.04 -22.26
N ASN A 357 -23.04 6.73 -22.38
CA ASN A 357 -23.44 5.61 -23.23
C ASN A 357 -23.08 5.86 -24.68
N HIS A 358 -23.24 7.11 -25.13
CA HIS A 358 -22.83 7.44 -26.49
C HIS A 358 -21.32 7.32 -26.64
N TYR A 359 -20.58 7.81 -25.66
CA TYR A 359 -19.12 7.72 -25.72
C TYR A 359 -18.64 6.27 -25.67
N ALA A 360 -19.36 5.42 -24.92
CA ALA A 360 -19.00 4.01 -24.88
C ALA A 360 -19.18 3.37 -26.25
N ALA A 361 -20.27 3.73 -26.93
CA ALA A 361 -20.58 3.15 -28.23
C ALA A 361 -19.57 3.56 -29.29
N THR A 362 -19.14 4.82 -29.27
CA THR A 362 -18.20 5.31 -30.26
C THR A 362 -16.75 5.08 -29.87
N GLY A 363 -16.48 4.84 -28.58
CA GLY A 363 -15.12 4.80 -28.08
C GLY A 363 -14.47 6.15 -27.86
N LYS A 364 -15.21 7.23 -28.02
CA LYS A 364 -14.67 8.58 -27.95
C LYS A 364 -15.40 9.36 -26.86
N ASP A 365 -14.73 9.58 -25.74
CA ASP A 365 -15.27 10.34 -24.62
C ASP A 365 -15.01 11.81 -24.90
N GLU A 366 -16.06 12.50 -25.38
CA GLU A 366 -15.95 13.91 -25.75
C GLU A 366 -15.96 14.85 -24.56
N ALA A 367 -16.09 14.33 -23.34
CA ALA A 367 -16.04 15.19 -22.17
C ALA A 367 -14.69 15.15 -21.46
N PHE A 368 -14.10 13.95 -21.30
CA PHE A 368 -12.84 13.79 -20.57
C PHE A 368 -11.83 12.87 -21.24
N ASN A 369 -12.08 12.40 -22.45
CA ASN A 369 -11.11 11.60 -23.19
C ASN A 369 -10.63 10.37 -22.41
N HIS A 370 -11.56 9.67 -21.79
CA HIS A 370 -11.28 8.39 -21.14
C HIS A 370 -10.38 7.53 -22.03
N ARG A 371 -9.22 7.14 -21.49
CA ARG A 371 -8.19 6.61 -22.37
C ARG A 371 -8.41 5.17 -22.80
N SER A 372 -9.25 4.40 -22.11
CA SER A 372 -9.48 3.01 -22.48
CA SER A 372 -9.45 3.02 -22.53
C SER A 372 -10.82 2.78 -23.15
N GLY A 373 -11.77 3.69 -22.95
CA GLY A 373 -13.11 3.52 -23.48
C GLY A 373 -14.12 3.23 -22.40
N LEU A 374 -15.19 4.00 -22.42
CA LEU A 374 -16.25 3.84 -21.45
C LEU A 374 -17.07 2.61 -21.78
N VAL A 375 -17.89 2.20 -20.81
CA VAL A 375 -18.77 1.04 -20.90
C VAL A 375 -20.20 1.51 -20.68
N ASP A 376 -21.11 1.04 -21.53
CA ASP A 376 -22.51 1.43 -21.44
C ASP A 376 -23.05 1.17 -20.04
N LEU A 377 -23.74 2.18 -19.50
CA LEU A 377 -24.32 2.15 -18.17
C LEU A 377 -25.85 2.26 -18.20
N SER A 378 -26.47 1.92 -19.32
CA SER A 378 -27.91 2.09 -19.43
C SER A 378 -28.72 1.08 -18.63
N LYS A 379 -28.14 -0.06 -18.26
N LYS A 379 -28.14 -0.06 -18.26
CA LYS A 379 -28.89 -1.08 -17.55
CA LYS A 379 -28.88 -1.10 -17.56
C LYS A 379 -28.18 -1.46 -16.27
C LYS A 379 -28.17 -1.47 -16.27
N GLY A 380 -28.98 -1.74 -15.23
CA GLY A 380 -28.47 -2.04 -13.93
C GLY A 380 -28.51 -3.53 -13.64
N PRO A 381 -28.39 -3.88 -12.36
CA PRO A 381 -28.29 -2.94 -11.23
C PRO A 381 -26.97 -2.19 -11.16
N TYR A 382 -26.93 -1.25 -10.23
CA TYR A 382 -25.83 -0.32 -10.07
C TYR A 382 -25.35 -0.34 -8.63
N TRP A 383 -24.05 -0.08 -8.46
CA TRP A 383 -23.48 0.33 -7.19
C TRP A 383 -23.08 1.79 -7.29
N ILE A 384 -23.33 2.54 -6.24
CA ILE A 384 -22.86 3.91 -6.13
C ILE A 384 -22.26 4.11 -4.75
N LEU A 385 -21.03 4.62 -4.73
CA LEU A 385 -20.19 4.71 -3.54
C LEU A 385 -19.76 6.15 -3.39
N LYS A 386 -19.82 6.67 -2.16
CA LYS A 386 -19.28 7.98 -1.82
C LYS A 386 -17.85 7.85 -1.32
N ALA A 387 -16.95 8.69 -1.84
CA ALA A 387 -15.52 8.54 -1.56
C ALA A 387 -14.81 9.88 -1.53
N THR A 388 -13.67 9.90 -0.83
CA THR A 388 -12.85 11.10 -0.65
C THR A 388 -11.41 10.67 -0.39
N PRO A 389 -10.44 11.55 -0.63
CA PRO A 389 -9.05 11.15 -0.38
C PRO A 389 -8.73 10.96 1.09
N SER A 390 -7.80 10.04 1.34
CA SER A 390 -7.33 9.68 2.68
C SER A 390 -5.82 9.49 2.65
N VAL A 391 -5.16 9.75 3.79
CA VAL A 391 -3.72 9.64 3.89
C VAL A 391 -3.32 8.16 3.79
N HIS A 392 -2.27 7.88 3.02
CA HIS A 392 -2.04 6.52 2.53
C HIS A 392 -0.63 5.96 2.75
N HIS A 393 0.42 6.76 2.58
CA HIS A 393 1.77 6.21 2.65
C HIS A 393 2.75 7.33 2.98
N THR A 394 3.68 7.03 3.90
CA THR A 394 4.70 8.00 4.30
C THR A 394 6.04 7.62 3.63
N MET A 395 6.40 8.39 2.60
CA MET A 395 7.60 8.08 1.83
C MET A 395 8.87 8.26 2.65
N GLY A 396 8.85 9.17 3.62
CA GLY A 396 10.01 9.44 4.44
C GLY A 396 10.23 8.38 5.49
N GLY A 397 11.31 8.57 6.24
CA GLY A 397 11.65 7.64 7.28
C GLY A 397 13.16 7.54 7.44
N LEU A 398 13.57 6.39 7.95
CA LEU A 398 14.95 6.19 8.33
C LEU A 398 15.89 6.18 7.13
N VAL A 399 17.08 6.70 7.36
CA VAL A 399 18.17 6.65 6.39
C VAL A 399 18.88 5.31 6.53
N VAL A 400 18.95 4.56 5.41
CA VAL A 400 19.67 3.30 5.34
C VAL A 400 20.57 3.33 4.11
N ASP A 401 21.53 2.42 4.06
CA ASP A 401 22.26 2.16 2.82
C ASP A 401 21.56 1.00 2.09
N THR A 402 22.09 0.61 0.93
CA THR A 402 21.43 -0.43 0.14
C THR A 402 21.56 -1.81 0.77
N ARG A 403 22.33 -1.95 1.84
CA ARG A 403 22.39 -3.15 2.66
C ARG A 403 21.44 -3.09 3.85
N THR A 404 20.59 -2.06 3.92
CA THR A 404 19.57 -1.80 4.94
C THR A 404 20.17 -1.43 6.28
N ARG A 405 21.46 -1.16 6.35
CA ARG A 405 22.06 -0.69 7.58
C ARG A 405 21.58 0.74 7.86
N VAL A 406 21.12 0.98 9.09
CA VAL A 406 20.65 2.30 9.48
C VAL A 406 21.87 3.20 9.73
N LEU A 407 21.80 4.43 9.21
CA LEU A 407 22.87 5.40 9.34
C LEU A 407 22.50 6.47 10.35
N ASP A 408 23.51 6.98 11.05
CA ASP A 408 23.30 8.05 12.01
C ASP A 408 23.37 9.40 11.30
N GLU A 409 23.31 10.48 12.08
CA GLU A 409 23.23 11.83 11.53
C GLU A 409 24.51 12.25 10.82
N GLN A 410 25.60 11.52 10.99
CA GLN A 410 26.83 11.76 10.24
C GLN A 410 27.05 10.76 9.12
N GLY A 411 26.06 9.93 8.82
CA GLY A 411 26.19 8.96 7.74
C GLY A 411 26.90 7.70 8.12
N LYS A 412 27.16 7.50 9.41
CA LYS A 412 27.91 6.34 9.88
C LYS A 412 26.95 5.20 10.22
N VAL A 413 27.33 3.98 9.81
CA VAL A 413 26.53 2.81 10.13
C VAL A 413 26.37 2.69 11.65
N ILE A 414 25.13 2.46 12.08
CA ILE A 414 24.85 2.09 13.46
C ILE A 414 24.94 0.56 13.55
N PRO A 415 25.97 0.00 14.18
CA PRO A 415 26.14 -1.46 14.12
C PRO A 415 24.96 -2.18 14.76
N GLY A 416 24.57 -3.27 14.12
CA GLY A 416 23.52 -4.12 14.62
C GLY A 416 22.11 -3.67 14.31
N LEU A 417 21.93 -2.58 13.56
CA LEU A 417 20.62 -2.03 13.30
C LEU A 417 20.34 -1.95 11.81
N PHE A 418 19.20 -2.50 11.41
CA PHE A 418 18.77 -2.56 10.03
C PHE A 418 17.32 -2.10 9.95
N ALA A 419 16.92 -1.66 8.77
CA ALA A 419 15.54 -1.24 8.60
C ALA A 419 15.11 -1.47 7.16
N ALA A 420 13.83 -1.83 6.99
CA ALA A 420 13.30 -2.16 5.69
C ALA A 420 11.82 -1.85 5.64
N GLY A 421 11.38 -1.40 4.48
CA GLY A 421 9.97 -1.18 4.23
C GLY A 421 9.59 0.28 4.32
N GLU A 422 8.30 0.50 4.57
CA GLU A 422 7.78 1.86 4.61
C GLU A 422 8.42 2.70 5.71
N VAL A 423 9.03 2.07 6.71
CA VAL A 423 9.75 2.83 7.73
C VAL A 423 10.98 3.55 7.17
N THR A 424 11.50 3.18 5.99
CA THR A 424 12.69 3.84 5.45
C THR A 424 12.26 4.99 4.53
N GLY A 425 13.21 5.88 4.25
CA GLY A 425 12.87 7.13 3.60
C GLY A 425 13.64 7.52 2.34
N LEU A 426 14.28 6.57 1.65
CA LEU A 426 15.17 6.91 0.55
C LEU A 426 14.80 6.31 -0.79
N THR A 427 13.75 5.51 -0.87
CA THR A 427 13.47 4.84 -2.14
C THR A 427 12.60 5.67 -3.06
N HIS A 428 11.51 6.23 -2.52
CA HIS A 428 10.41 6.72 -3.35
C HIS A 428 10.44 8.21 -3.62
N GLY A 429 11.48 8.92 -3.19
CA GLY A 429 11.50 10.34 -3.44
C GLY A 429 10.32 11.04 -2.82
N THR A 430 9.75 11.99 -3.57
CA THR A 430 8.64 12.80 -3.11
C THR A 430 7.31 12.09 -3.24
N ASN A 431 7.27 10.94 -3.91
CA ASN A 431 6.00 10.34 -4.27
C ASN A 431 6.23 8.92 -4.77
N ARG A 432 5.72 7.96 -4.02
CA ARG A 432 5.78 6.56 -4.41
C ARG A 432 4.79 6.25 -5.53
N LEU A 433 5.25 5.49 -6.52
CA LEU A 433 4.31 4.97 -7.52
C LEU A 433 3.54 3.78 -6.96
N GLY A 434 2.30 3.67 -7.42
CA GLY A 434 1.51 2.50 -7.09
C GLY A 434 2.26 1.23 -7.42
N GLY A 435 2.13 0.22 -6.53
CA GLY A 435 2.76 -1.06 -6.72
C GLY A 435 4.21 -1.12 -6.31
N ASN A 436 4.84 0.01 -6.02
CA ASN A 436 6.25 0.01 -5.67
C ASN A 436 6.51 -0.18 -4.19
N ALA A 437 5.50 -0.08 -3.32
CA ALA A 437 5.76 -0.35 -1.92
C ALA A 437 6.04 -1.83 -1.74
N TYR A 438 5.24 -2.66 -2.40
CA TYR A 438 5.42 -4.11 -2.21
C TYR A 438 6.78 -4.52 -2.74
N THR A 439 7.22 -3.94 -3.86
CA THR A 439 8.54 -4.30 -4.35
C THR A 439 9.62 -3.95 -3.34
N ASP A 440 9.51 -2.75 -2.77
CA ASP A 440 10.46 -2.26 -1.78
C ASP A 440 10.46 -3.13 -0.53
N ILE A 441 9.28 -3.44 0.02
CA ILE A 441 9.27 -4.14 1.31
C ILE A 441 9.82 -5.56 1.19
N ILE A 442 9.58 -6.24 0.06
CA ILE A 442 10.08 -7.60 -0.07
C ILE A 442 11.57 -7.61 -0.37
N VAL A 443 12.01 -6.77 -1.32
CA VAL A 443 13.42 -6.74 -1.66
C VAL A 443 14.25 -6.37 -0.44
N TYR A 444 13.88 -5.30 0.25
CA TYR A 444 14.73 -4.84 1.34
C TYR A 444 14.47 -5.61 2.62
N GLY A 445 13.27 -6.17 2.81
CA GLY A 445 13.08 -7.08 3.92
C GLY A 445 14.01 -8.27 3.81
N ARG A 446 14.11 -8.85 2.62
CA ARG A 446 15.00 -9.98 2.43
C ARG A 446 16.44 -9.59 2.73
N ILE A 447 16.87 -8.44 2.18
CA ILE A 447 18.25 -7.99 2.42
C ILE A 447 18.50 -7.78 3.91
N ALA A 448 17.53 -7.19 4.61
CA ALA A 448 17.73 -6.92 6.02
C ALA A 448 17.91 -8.22 6.81
N GLY A 449 17.10 -9.24 6.51
CA GLY A 449 17.28 -10.49 7.21
C GLY A 449 18.61 -11.14 6.88
N GLN A 450 19.02 -11.06 5.62
CA GLN A 450 20.31 -11.59 5.21
C GLN A 450 21.45 -10.87 5.92
N GLU A 451 21.38 -9.54 5.95
CA GLU A 451 22.47 -8.77 6.55
C GLU A 451 22.48 -8.93 8.06
N ALA A 452 21.31 -8.94 8.70
CA ALA A 452 21.30 -9.13 10.15
C ALA A 452 21.84 -10.50 10.53
N ALA A 453 21.59 -11.50 9.70
CA ALA A 453 22.03 -12.86 10.03
C ALA A 453 23.54 -13.04 9.87
N LYS A 454 24.20 -12.16 9.13
CA LYS A 454 25.64 -12.30 8.93
C LYS A 454 26.45 -12.00 10.19
#